data_8QH6
#
_entry.id   8QH6
#
_cell.length_a   57.688
_cell.length_b   57.688
_cell.length_c   159.845
_cell.angle_alpha   90.000
_cell.angle_beta   90.000
_cell.angle_gamma   120.000
#
_symmetry.space_group_name_H-M   'P 32 2 1'
#
loop_
_entity.id
_entity.type
_entity.pdbx_description
1 polymer 'Chaperone protein IpgC'
2 non-polymer 3-azanyl-6-chloranyl-isoindol-1-one
3 non-polymer 'MAGNESIUM ION'
4 non-polymer 'CHLORIDE ION'
5 water water
#
_entity_poly.entity_id   1
_entity_poly.type   'polypeptide(L)'
_entity_poly.pdbx_seq_one_letter_code
;GSISTAVIDAINSGATLKDINAIPDDMMDDIYSYAYDFYNKGRIEEAEVFFRFLCIYDFYNVDYIMGLAAIYQIKEQFQQ
AADLYAVAFALGKNDYTPVFHTGQCQLRLKAPLKAKECFELVIQHSNDEKLKIKAQSYLDAIQ
;
_entity_poly.pdbx_strand_id   A,B
#
loop_
_chem_comp.id
_chem_comp.type
_chem_comp.name
_chem_comp.formula
CL non-polymer 'CHLORIDE ION' 'Cl -1'
MG non-polymer 'MAGNESIUM ION' 'Mg 2'
V9U non-polymer 3-azanyl-6-chloranyl-isoindol-1-one 'C8 H5 Cl N2 O'
#
# COMPACT_ATOMS: atom_id res chain seq x y z
N THR A 16 -4.25 18.66 5.76
CA THR A 16 -2.82 18.61 6.05
C THR A 16 -2.14 19.94 5.70
N LEU A 17 -0.87 20.06 6.06
CA LEU A 17 -0.09 21.24 5.71
C LEU A 17 0.05 21.37 4.20
N LYS A 18 0.19 20.23 3.51
CA LYS A 18 0.26 20.26 2.04
C LYS A 18 -1.04 20.75 1.44
N ASP A 19 -2.18 20.37 2.03
CA ASP A 19 -3.48 20.72 1.48
C ASP A 19 -3.67 22.24 1.38
N ILE A 20 -3.00 22.99 2.25
CA ILE A 20 -3.18 24.45 2.30
C ILE A 20 -1.95 25.19 1.77
N ASN A 21 -1.04 24.50 1.07
CA ASN A 21 0.18 25.10 0.53
C ASN A 21 0.90 25.93 1.60
N ALA A 22 1.17 25.28 2.73
CA ALA A 22 1.71 26.00 3.89
C ALA A 22 3.17 26.40 3.71
N ILE A 23 3.91 25.70 2.85
CA ILE A 23 5.32 25.97 2.53
C ILE A 23 5.46 25.96 1.02
N PRO A 24 6.12 26.95 0.41
CA PRO A 24 6.19 26.98 -1.05
C PRO A 24 6.84 25.72 -1.62
N ASP A 25 6.50 25.44 -2.87
CA ASP A 25 6.93 24.21 -3.54
C ASP A 25 8.45 24.09 -3.58
N ASP A 26 9.13 25.16 -4.01
CA ASP A 26 10.59 25.12 -4.11
C ASP A 26 11.25 24.90 -2.76
N MET A 27 10.68 25.44 -1.69
CA MET A 27 11.24 25.20 -0.36
C MET A 27 11.08 23.73 0.05
N MET A 28 9.94 23.12 -0.26
CA MET A 28 9.80 21.70 0.00
C MET A 28 10.80 20.88 -0.82
N ASP A 29 11.00 21.23 -2.10
CA ASP A 29 12.04 20.58 -2.89
C ASP A 29 13.39 20.68 -2.21
N ASP A 30 13.71 21.86 -1.68
CA ASP A 30 14.98 22.06 -1.01
C ASP A 30 15.10 21.14 0.20
N ILE A 31 14.04 21.07 1.02
CA ILE A 31 14.08 20.25 2.23
C ILE A 31 14.28 18.78 1.86
N TYR A 32 13.59 18.32 0.83
CA TYR A 32 13.78 16.94 0.37
C TYR A 32 15.23 16.71 -0.07
N SER A 33 15.81 17.66 -0.80
N SER A 33 15.80 17.64 -0.82
CA SER A 33 17.19 17.49 -1.25
CA SER A 33 17.19 17.49 -1.24
C SER A 33 18.16 17.54 -0.06
C SER A 33 18.13 17.51 -0.04
N TYR A 34 17.85 18.37 0.94
CA TYR A 34 18.69 18.40 2.14
C TYR A 34 18.56 17.09 2.92
N ALA A 35 17.37 16.51 2.95
CA ALA A 35 17.17 15.22 3.60
C ALA A 35 18.05 14.14 2.98
N TYR A 36 18.10 14.06 1.64
CA TYR A 36 18.95 13.07 1.01
C TYR A 36 20.43 13.42 1.17
N ASP A 37 20.78 14.71 1.22
CA ASP A 37 22.16 15.07 1.52
C ASP A 37 22.58 14.49 2.87
N PHE A 38 21.74 14.67 3.90
CA PHE A 38 22.04 14.09 5.21
C PHE A 38 22.22 12.57 5.10
N TYR A 39 21.27 11.92 4.42
CA TYR A 39 21.34 10.46 4.24
C TYR A 39 22.63 10.05 3.54
N ASN A 40 22.97 10.70 2.43
CA ASN A 40 24.16 10.29 1.68
C ASN A 40 25.44 10.50 2.48
N LYS A 41 25.44 11.46 3.41
CA LYS A 41 26.57 11.74 4.28
C LYS A 41 26.57 10.91 5.55
N GLY A 42 25.62 9.99 5.73
CA GLY A 42 25.63 9.18 6.92
C GLY A 42 25.05 9.85 8.15
N ARG A 43 24.47 11.04 8.00
CA ARG A 43 23.85 11.73 9.12
C ARG A 43 22.41 11.24 9.23
N ILE A 44 22.28 10.01 9.72
CA ILE A 44 21.00 9.31 9.67
C ILE A 44 20.00 9.95 10.62
N GLU A 45 20.45 10.37 11.81
CA GLU A 45 19.49 10.95 12.74
C GLU A 45 18.87 12.23 12.17
N GLU A 46 19.69 13.06 11.52
CA GLU A 46 19.19 14.29 10.92
C GLU A 46 18.34 14.01 9.68
N ALA A 47 18.75 13.05 8.84
CA ALA A 47 17.89 12.64 7.73
C ALA A 47 16.54 12.16 8.24
N GLU A 48 16.52 11.42 9.35
CA GLU A 48 15.26 10.91 9.88
C GLU A 48 14.34 12.06 10.31
N VAL A 49 14.88 13.07 11.00
CA VAL A 49 14.06 14.24 11.35
C VAL A 49 13.48 14.87 10.09
N PHE A 50 14.33 15.06 9.06
CA PHE A 50 13.87 15.72 7.83
C PHE A 50 12.85 14.87 7.08
N PHE A 51 13.05 13.56 6.99
CA PHE A 51 12.05 12.75 6.30
C PHE A 51 10.77 12.63 7.12
N ARG A 52 10.86 12.58 8.45
CA ARG A 52 9.63 12.63 9.23
C ARG A 52 8.88 13.93 9.01
N PHE A 53 9.61 15.04 8.98
CA PHE A 53 9.02 16.35 8.70
C PHE A 53 8.27 16.33 7.38
N LEU A 54 8.92 15.80 6.33
CA LEU A 54 8.30 15.75 5.01
C LEU A 54 7.03 14.90 5.02
N CYS A 55 7.05 13.77 5.71
CA CYS A 55 5.88 12.89 5.72
C CYS A 55 4.76 13.44 6.60
N ILE A 56 5.09 14.26 7.61
CA ILE A 56 4.05 15.00 8.31
C ILE A 56 3.44 16.04 7.39
N TYR A 57 4.27 16.71 6.59
CA TYR A 57 3.76 17.75 5.71
C TYR A 57 2.85 17.14 4.64
N ASP A 58 3.24 16.01 4.05
CA ASP A 58 2.44 15.39 2.97
C ASP A 58 2.61 13.88 3.02
N PHE A 59 1.75 13.21 3.80
CA PHE A 59 1.78 11.76 3.92
C PHE A 59 1.56 11.07 2.58
N TYR A 60 0.95 11.76 1.62
CA TYR A 60 0.54 11.16 0.35
C TYR A 60 1.62 11.25 -0.73
N ASN A 61 2.85 11.65 -0.40
CA ASN A 61 3.91 11.84 -1.38
C ASN A 61 4.77 10.59 -1.34
N VAL A 62 4.77 9.83 -2.44
N VAL A 62 4.75 9.81 -2.44
CA VAL A 62 5.41 8.51 -2.44
CA VAL A 62 5.43 8.52 -2.45
C VAL A 62 6.91 8.64 -2.15
C VAL A 62 6.91 8.68 -2.10
N ASP A 63 7.57 9.66 -2.72
CA ASP A 63 9.00 9.80 -2.52
C ASP A 63 9.33 10.23 -1.10
N TYR A 64 8.45 11.00 -0.45
CA TYR A 64 8.71 11.29 0.95
C TYR A 64 8.62 10.02 1.79
N ILE A 65 7.60 9.20 1.54
CA ILE A 65 7.44 7.94 2.26
C ILE A 65 8.63 7.03 2.00
N MET A 66 9.07 6.92 0.73
CA MET A 66 10.20 6.05 0.42
C MET A 66 11.47 6.50 1.17
N GLY A 67 11.65 7.80 1.35
CA GLY A 67 12.82 8.28 2.06
C GLY A 67 12.77 7.86 3.52
N LEU A 68 11.60 8.00 4.14
CA LEU A 68 11.52 7.58 5.54
C LEU A 68 11.67 6.08 5.65
N ALA A 69 11.12 5.33 4.68
CA ALA A 69 11.27 3.88 4.73
C ALA A 69 12.74 3.49 4.62
N ALA A 70 13.49 4.21 3.78
CA ALA A 70 14.91 3.92 3.64
C ALA A 70 15.65 4.13 4.96
N ILE A 71 15.29 5.19 5.68
CA ILE A 71 15.88 5.46 6.99
C ILE A 71 15.62 4.28 7.92
N TYR A 72 14.37 3.83 7.98
CA TYR A 72 14.03 2.73 8.88
C TYR A 72 14.77 1.46 8.47
N GLN A 73 14.90 1.21 7.17
CA GLN A 73 15.63 0.02 6.73
C GLN A 73 17.10 0.10 7.14
N ILE A 74 17.72 1.26 6.96
CA ILE A 74 19.13 1.37 7.30
C ILE A 74 19.33 1.24 8.81
N LYS A 75 18.34 1.64 9.59
CA LYS A 75 18.38 1.50 11.04
C LYS A 75 17.99 0.12 11.52
N GLU A 76 17.76 -0.82 10.60
CA GLU A 76 17.41 -2.21 10.90
C GLU A 76 16.06 -2.31 11.62
N GLN A 77 15.18 -1.37 11.31
CA GLN A 77 13.78 -1.43 11.71
C GLN A 77 12.99 -1.96 10.51
N PHE A 78 13.13 -3.28 10.29
CA PHE A 78 12.77 -3.85 8.98
C PHE A 78 11.26 -3.94 8.79
N GLN A 79 10.52 -4.33 9.83
CA GLN A 79 9.07 -4.36 9.71
C GLN A 79 8.50 -2.96 9.56
N GLN A 80 9.06 -2.01 10.30
CA GLN A 80 8.64 -0.61 10.17
C GLN A 80 8.86 -0.10 8.75
N ALA A 81 10.01 -0.43 8.16
CA ALA A 81 10.28 -0.08 6.78
C ALA A 81 9.30 -0.78 5.84
N ALA A 82 9.08 -2.08 6.05
CA ALA A 82 8.18 -2.83 5.14
C ALA A 82 6.78 -2.27 5.17
N ASP A 83 6.32 -1.81 6.33
CA ASP A 83 4.98 -1.21 6.42
C ASP A 83 4.87 0.03 5.54
N LEU A 84 5.87 0.92 5.62
CA LEU A 84 5.84 2.11 4.77
C LEU A 84 6.01 1.75 3.30
N TYR A 85 6.79 0.72 3.00
CA TYR A 85 6.91 0.30 1.60
C TYR A 85 5.56 -0.15 1.03
N ALA A 86 4.71 -0.79 1.85
CA ALA A 86 3.41 -1.21 1.34
C ALA A 86 2.54 0.00 1.03
N VAL A 87 2.57 1.02 1.88
CA VAL A 87 1.87 2.26 1.57
C VAL A 87 2.46 2.91 0.33
N ALA A 88 3.80 2.98 0.25
CA ALA A 88 4.45 3.58 -0.91
C ALA A 88 4.05 2.88 -2.20
N PHE A 89 3.97 1.56 -2.18
CA PHE A 89 3.57 0.85 -3.39
C PHE A 89 2.19 1.30 -3.84
N ALA A 90 1.25 1.38 -2.90
CA ALA A 90 -0.11 1.76 -3.23
C ALA A 90 -0.19 3.15 -3.80
N LEU A 91 0.62 4.07 -3.28
CA LEU A 91 0.53 5.45 -3.74
C LEU A 91 1.02 5.59 -5.18
N GLY A 92 2.01 4.78 -5.58
CA GLY A 92 2.56 4.82 -6.92
C GLY A 92 1.91 3.87 -7.91
N LYS A 93 1.34 2.77 -7.39
CA LYS A 93 0.58 1.73 -8.10
C LYS A 93 1.43 0.84 -9.00
N ASN A 94 2.37 1.42 -9.77
CA ASN A 94 3.10 0.65 -10.79
C ASN A 94 4.61 0.71 -10.62
N ASP A 95 5.11 1.22 -9.50
CA ASP A 95 6.54 1.23 -9.21
C ASP A 95 6.80 0.11 -8.22
N TYR A 96 7.58 -0.89 -8.65
CA TYR A 96 7.85 -2.05 -7.81
C TYR A 96 9.11 -1.90 -6.97
N THR A 97 9.77 -0.74 -7.01
CA THR A 97 10.92 -0.51 -6.12
C THR A 97 10.59 -0.76 -4.65
N PRO A 98 9.47 -0.25 -4.09
CA PRO A 98 9.16 -0.60 -2.69
C PRO A 98 8.96 -2.09 -2.45
N VAL A 99 8.48 -2.83 -3.45
CA VAL A 99 8.31 -4.27 -3.29
C VAL A 99 9.68 -4.94 -3.22
N PHE A 100 10.61 -4.50 -4.07
CA PHE A 100 11.99 -5.00 -4.01
C PHE A 100 12.60 -4.79 -2.62
N HIS A 101 12.49 -3.58 -2.08
CA HIS A 101 13.07 -3.34 -0.76
C HIS A 101 12.36 -4.10 0.34
N THR A 102 11.05 -4.31 0.21
CA THR A 102 10.33 -5.17 1.14
C THR A 102 10.90 -6.58 1.13
N GLY A 103 11.25 -7.09 -0.06
CA GLY A 103 11.89 -8.39 -0.14
C GLY A 103 13.17 -8.45 0.67
N GLN A 104 13.97 -7.38 0.62
CA GLN A 104 15.19 -7.32 1.42
C GLN A 104 14.85 -7.33 2.91
N CYS A 105 13.88 -6.51 3.31
CA CYS A 105 13.47 -6.48 4.72
C CYS A 105 12.98 -7.85 5.18
N GLN A 106 12.21 -8.54 4.36
CA GLN A 106 11.69 -9.84 4.79
C GLN A 106 12.81 -10.85 4.99
N LEU A 107 13.83 -10.81 4.13
CA LEU A 107 14.99 -11.67 4.36
C LEU A 107 15.61 -11.41 5.73
N ARG A 108 15.74 -10.14 6.11
CA ARG A 108 16.34 -9.81 7.40
C ARG A 108 15.44 -10.20 8.56
N LEU A 109 14.13 -10.24 8.34
CA LEU A 109 13.18 -10.70 9.34
C LEU A 109 13.05 -12.23 9.38
N LYS A 110 13.87 -12.95 8.60
CA LYS A 110 13.84 -14.42 8.54
C LYS A 110 12.51 -14.94 8.03
N ALA A 111 11.96 -14.28 7.01
CA ALA A 111 10.74 -14.70 6.33
C ALA A 111 11.06 -14.89 4.85
N PRO A 112 11.83 -15.95 4.52
CA PRO A 112 12.33 -16.10 3.14
C PRO A 112 11.23 -16.38 2.13
N LEU A 113 10.14 -17.02 2.52
CA LEU A 113 9.07 -17.28 1.57
C LEU A 113 8.34 -15.99 1.20
N LYS A 114 8.13 -15.12 2.19
CA LYS A 114 7.56 -13.80 1.88
C LYS A 114 8.51 -13.01 1.01
N ALA A 115 9.82 -13.08 1.28
CA ALA A 115 10.78 -12.36 0.47
C ALA A 115 10.76 -12.86 -0.97
N LYS A 116 10.71 -14.18 -1.15
CA LYS A 116 10.63 -14.75 -2.49
C LYS A 116 9.40 -14.22 -3.23
N GLU A 117 8.27 -14.14 -2.53
CA GLU A 117 7.06 -13.61 -3.16
C GLU A 117 7.25 -12.17 -3.62
N CYS A 118 7.91 -11.35 -2.80
CA CYS A 118 8.19 -9.97 -3.21
C CYS A 118 9.05 -9.94 -4.47
N PHE A 119 10.18 -10.64 -4.47
CA PHE A 119 11.06 -10.58 -5.62
C PHE A 119 10.38 -11.12 -6.87
N GLU A 120 9.55 -12.16 -6.70
CA GLU A 120 8.84 -12.71 -7.83
C GLU A 120 7.81 -11.72 -8.38
N LEU A 121 7.20 -10.93 -7.50
CA LEU A 121 6.26 -9.93 -7.96
C LEU A 121 6.96 -8.88 -8.80
N VAL A 122 8.16 -8.48 -8.39
CA VAL A 122 8.93 -7.51 -9.16
C VAL A 122 9.20 -8.05 -10.56
N ILE A 123 9.66 -9.30 -10.65
CA ILE A 123 10.01 -9.86 -11.95
C ILE A 123 8.78 -10.02 -12.85
N GLN A 124 7.62 -10.29 -12.27
N GLN A 124 7.63 -10.33 -12.27
CA GLN A 124 6.46 -10.58 -13.10
CA GLN A 124 6.44 -10.57 -13.08
C GLN A 124 5.74 -9.32 -13.56
C GLN A 124 5.85 -9.28 -13.62
N HIS A 125 5.83 -8.22 -12.81
CA HIS A 125 5.08 -7.00 -13.12
C HIS A 125 5.91 -5.79 -13.50
N SER A 126 7.16 -5.68 -13.06
CA SER A 126 7.88 -4.42 -13.22
C SER A 126 8.32 -4.23 -14.67
N ASN A 127 8.31 -2.98 -15.13
CA ASN A 127 8.91 -2.62 -16.41
C ASN A 127 10.30 -2.01 -16.26
N ASP A 128 10.82 -2.03 -15.03
CA ASP A 128 12.13 -1.49 -14.68
C ASP A 128 13.17 -2.60 -14.84
N GLU A 129 13.90 -2.59 -15.97
CA GLU A 129 14.80 -3.71 -16.28
C GLU A 129 15.93 -3.84 -15.27
N LYS A 130 16.50 -2.71 -14.83
CA LYS A 130 17.59 -2.80 -13.86
C LYS A 130 17.10 -3.32 -12.53
N LEU A 131 15.88 -2.95 -12.14
CA LEU A 131 15.32 -3.48 -10.89
C LEU A 131 15.05 -4.98 -11.00
N LYS A 132 14.56 -5.45 -12.15
CA LYS A 132 14.31 -6.87 -12.31
C LYS A 132 15.59 -7.68 -12.24
N ILE A 133 16.67 -7.14 -12.82
CA ILE A 133 17.97 -7.79 -12.74
C ILE A 133 18.36 -7.98 -11.27
N LYS A 134 18.20 -6.93 -10.46
CA LYS A 134 18.52 -7.00 -9.03
C LYS A 134 17.62 -7.99 -8.31
N ALA A 135 16.32 -7.96 -8.59
CA ALA A 135 15.40 -8.89 -7.95
C ALA A 135 15.75 -10.33 -8.29
N GLN A 136 16.14 -10.59 -9.55
CA GLN A 136 16.50 -11.95 -9.94
C GLN A 136 17.74 -12.42 -9.20
N SER A 137 18.70 -11.51 -8.98
CA SER A 137 19.89 -11.89 -8.24
C SER A 137 19.58 -12.29 -6.80
N TYR A 138 18.55 -11.68 -6.20
CA TYR A 138 18.11 -12.12 -4.88
C TYR A 138 17.42 -13.48 -4.95
N LEU A 139 16.51 -13.66 -5.90
CA LEU A 139 15.85 -14.96 -6.07
C LEU A 139 16.86 -16.07 -6.29
N ASP A 140 17.92 -15.79 -7.06
CA ASP A 140 18.92 -16.80 -7.34
C ASP A 140 19.62 -17.27 -6.05
N ALA A 141 19.75 -16.38 -5.07
CA ALA A 141 20.45 -16.65 -3.83
C ALA A 141 19.59 -17.30 -2.76
N ILE A 142 18.27 -17.09 -2.82
CA ILE A 142 17.35 -17.64 -1.83
C ILE A 142 17.26 -19.14 -1.99
N GLN A 143 17.41 -19.87 -0.89
CA GLN A 143 17.41 -21.33 -0.93
C GLN A 143 16.02 -21.89 -1.26
N GLY B 1 -7.79 9.59 6.65
CA GLY B 1 -8.38 8.27 6.62
C GLY B 1 -7.43 7.16 7.04
N SER B 2 -7.70 5.95 6.57
N SER B 2 -7.70 5.95 6.58
CA SER B 2 -6.97 4.78 7.05
CA SER B 2 -6.95 4.78 7.05
C SER B 2 -5.49 4.83 6.66
C SER B 2 -5.48 4.87 6.68
N ILE B 3 -5.18 5.35 5.47
CA ILE B 3 -3.78 5.42 5.04
C ILE B 3 -3.04 6.49 5.84
N SER B 4 -3.65 7.65 6.06
N SER B 4 -3.65 7.66 6.03
CA SER B 4 -2.96 8.67 6.84
CA SER B 4 -3.05 8.69 6.87
C SER B 4 -2.74 8.21 8.29
C SER B 4 -2.72 8.16 8.25
N THR B 5 -3.67 7.43 8.84
CA THR B 5 -3.44 6.86 10.18
C THR B 5 -2.21 5.94 10.18
N ALA B 6 -2.12 5.07 9.18
CA ALA B 6 -0.96 4.18 9.07
C ALA B 6 0.34 4.98 8.95
N VAL B 7 0.34 6.06 8.17
CA VAL B 7 1.59 6.81 8.01
C VAL B 7 1.95 7.55 9.29
N ILE B 8 0.97 8.19 9.93
CA ILE B 8 1.25 8.85 11.21
C ILE B 8 1.81 7.87 12.22
N ASP B 9 1.19 6.69 12.33
CA ASP B 9 1.71 5.65 13.22
C ASP B 9 3.17 5.34 12.90
N ALA B 10 3.50 5.25 11.60
CA ALA B 10 4.86 4.91 11.22
C ALA B 10 5.83 6.04 11.52
N ILE B 11 5.38 7.30 11.35
CA ILE B 11 6.24 8.43 11.68
C ILE B 11 6.55 8.44 13.17
N ASN B 12 5.52 8.28 13.99
CA ASN B 12 5.68 8.46 15.42
C ASN B 12 6.46 7.32 16.05
N SER B 13 6.30 6.09 15.53
CA SER B 13 7.04 4.92 16.00
C SER B 13 6.92 4.76 17.51
N GLY B 14 5.81 5.27 18.07
CA GLY B 14 5.46 4.95 19.44
C GLY B 14 4.64 3.68 19.50
N ALA B 15 4.36 3.24 20.73
CA ALA B 15 3.61 2.00 20.89
C ALA B 15 2.20 2.17 20.32
N THR B 16 1.74 1.16 19.59
CA THR B 16 0.38 1.14 19.09
C THR B 16 -0.47 0.19 19.92
N LEU B 17 -1.77 0.19 19.65
CA LEU B 17 -2.67 -0.73 20.32
C LEU B 17 -2.35 -2.17 19.97
N LYS B 18 -2.00 -2.44 18.71
CA LYS B 18 -1.65 -3.82 18.36
C LYS B 18 -0.34 -4.24 19.00
N ASP B 19 0.60 -3.30 19.20
CA ASP B 19 1.89 -3.63 19.79
C ASP B 19 1.74 -4.27 21.16
N ILE B 20 0.66 -3.96 21.88
CA ILE B 20 0.45 -4.48 23.23
C ILE B 20 -0.67 -5.53 23.23
N ASN B 21 -1.03 -6.04 22.05
CA ASN B 21 -2.09 -7.04 21.91
C ASN B 21 -3.35 -6.60 22.66
N ALA B 22 -3.79 -5.37 22.36
CA ALA B 22 -4.89 -4.79 23.13
C ALA B 22 -6.23 -5.43 22.79
N ILE B 23 -6.39 -6.01 21.59
CA ILE B 23 -7.61 -6.67 21.20
C ILE B 23 -7.27 -8.05 20.65
N PRO B 24 -7.72 -9.13 21.28
CA PRO B 24 -7.36 -10.48 20.83
C PRO B 24 -7.95 -10.84 19.47
N ASP B 25 -7.33 -11.85 18.84
CA ASP B 25 -7.72 -12.28 17.49
C ASP B 25 -9.20 -12.63 17.43
N ASP B 26 -9.68 -13.45 18.38
CA ASP B 26 -11.08 -13.86 18.36
C ASP B 26 -12.01 -12.65 18.43
N MET B 27 -11.63 -11.62 19.19
CA MET B 27 -12.43 -10.42 19.28
C MET B 27 -12.41 -9.63 17.97
N MET B 28 -11.24 -9.53 17.33
CA MET B 28 -11.18 -8.90 16.01
C MET B 28 -12.03 -9.65 15.00
N ASP B 29 -11.98 -10.99 15.02
CA ASP B 29 -12.82 -11.79 14.14
C ASP B 29 -14.30 -11.44 14.34
N ASP B 30 -14.74 -11.32 15.59
CA ASP B 30 -16.13 -10.98 15.86
C ASP B 30 -16.50 -9.61 15.27
N ILE B 31 -15.65 -8.61 15.49
CA ILE B 31 -15.93 -7.27 15.00
C ILE B 31 -15.97 -7.26 13.48
N TYR B 32 -15.07 -8.00 12.84
CA TYR B 32 -15.13 -8.15 11.39
C TYR B 32 -16.47 -8.75 10.96
N SER B 33 -16.95 -9.75 11.70
N SER B 33 -16.97 -9.72 11.73
CA SER B 33 -18.25 -10.32 11.37
CA SER B 33 -18.25 -10.34 11.37
C SER B 33 -19.35 -9.28 11.48
C SER B 33 -19.41 -9.36 11.54
N TYR B 34 -19.33 -8.48 12.54
CA TYR B 34 -20.36 -7.47 12.72
C TYR B 34 -20.28 -6.44 11.60
N ALA B 35 -19.07 -6.08 11.20
CA ALA B 35 -18.90 -5.14 10.11
C ALA B 35 -19.59 -5.64 8.85
N TYR B 36 -19.42 -6.93 8.52
CA TYR B 36 -20.09 -7.42 7.32
C TYR B 36 -21.59 -7.57 7.52
N ASP B 37 -22.01 -7.91 8.75
N ASP B 37 -22.03 -7.84 8.75
CA ASP B 37 -23.45 -7.91 9.06
CA ASP B 37 -23.47 -7.92 8.97
C ASP B 37 -24.07 -6.58 8.68
C ASP B 37 -24.15 -6.56 8.74
N PHE B 38 -23.48 -5.48 9.17
CA PHE B 38 -23.97 -4.15 8.82
C PHE B 38 -23.94 -3.94 7.31
N TYR B 39 -22.80 -4.26 6.69
CA TYR B 39 -22.65 -4.08 5.25
C TYR B 39 -23.69 -4.87 4.48
N ASN B 40 -23.89 -6.15 4.84
CA ASN B 40 -24.83 -7.00 4.10
C ASN B 40 -26.27 -6.48 4.21
N LYS B 41 -26.59 -5.76 5.28
CA LYS B 41 -27.93 -5.22 5.46
C LYS B 41 -28.10 -3.81 4.87
N GLY B 42 -27.08 -3.28 4.21
CA GLY B 42 -27.14 -1.94 3.66
C GLY B 42 -26.77 -0.84 4.61
N ARG B 43 -26.34 -1.19 5.84
N ARG B 43 -26.34 -1.18 5.83
CA ARG B 43 -25.90 -0.20 6.84
CA ARG B 43 -25.94 -0.16 6.82
C ARG B 43 -24.44 0.15 6.56
C ARG B 43 -24.47 0.19 6.59
N ILE B 44 -24.23 0.84 5.44
CA ILE B 44 -22.88 1.06 4.93
C ILE B 44 -22.10 1.99 5.86
N GLU B 45 -22.77 3.00 6.42
CA GLU B 45 -22.07 3.94 7.28
C GLU B 45 -21.55 3.26 8.53
N GLU B 46 -22.38 2.43 9.16
N GLU B 46 -22.36 2.43 9.17
CA GLU B 46 -21.94 1.67 10.32
CA GLU B 46 -21.86 1.70 10.34
C GLU B 46 -20.81 0.70 9.95
C GLU B 46 -20.79 0.69 9.95
N ALA B 47 -20.96 0.02 8.80
CA ALA B 47 -19.91 -0.89 8.36
C ALA B 47 -18.60 -0.15 8.15
N GLU B 48 -18.67 1.06 7.59
CA GLU B 48 -17.45 1.83 7.34
C GLU B 48 -16.74 2.16 8.64
N VAL B 49 -17.48 2.57 9.67
CA VAL B 49 -16.88 2.81 10.97
C VAL B 49 -16.19 1.55 11.47
N PHE B 50 -16.88 0.40 11.39
CA PHE B 50 -16.28 -0.83 11.92
C PHE B 50 -15.03 -1.24 11.14
N PHE B 51 -15.03 -1.06 9.81
CA PHE B 51 -13.83 -1.39 9.06
C PHE B 51 -12.73 -0.38 9.33
N ARG B 52 -13.07 0.91 9.53
CA ARG B 52 -12.05 1.88 9.94
C ARG B 52 -11.46 1.52 11.29
N PHE B 53 -12.31 1.10 12.23
CA PHE B 53 -11.84 0.63 13.53
C PHE B 53 -10.86 -0.51 13.36
N LEU B 54 -11.24 -1.51 12.58
CA LEU B 54 -10.36 -2.65 12.35
C LEU B 54 -9.04 -2.21 11.72
N CYS B 55 -9.11 -1.26 10.78
CA CYS B 55 -7.88 -0.81 10.12
C CYS B 55 -7.03 0.09 10.99
N ILE B 56 -7.60 0.78 11.98
CA ILE B 56 -6.76 1.46 12.97
C ILE B 56 -5.99 0.44 13.79
N TYR B 57 -6.68 -0.62 14.22
CA TYR B 57 -6.01 -1.63 15.05
C TYR B 57 -4.99 -2.44 14.26
N ASP B 58 -5.34 -2.85 13.04
CA ASP B 58 -4.49 -3.75 12.27
C ASP B 58 -4.63 -3.35 10.80
N PHE B 59 -3.95 -2.27 10.42
CA PHE B 59 -4.08 -1.76 9.05
C PHE B 59 -3.60 -2.76 8.01
N TYR B 60 -2.54 -3.51 8.31
CA TYR B 60 -1.88 -4.33 7.30
C TYR B 60 -2.50 -5.72 7.21
N ASN B 61 -3.81 -5.71 7.01
CA ASN B 61 -4.62 -6.92 6.97
C ASN B 61 -5.47 -6.89 5.71
N VAL B 62 -5.24 -7.86 4.81
CA VAL B 62 -5.92 -7.83 3.52
C VAL B 62 -7.43 -7.82 3.68
N ASP B 63 -7.97 -8.63 4.59
CA ASP B 63 -9.42 -8.71 4.70
C ASP B 63 -10.04 -7.39 5.13
N TYR B 64 -9.40 -6.68 6.06
CA TYR B 64 -9.94 -5.40 6.52
C TYR B 64 -9.83 -4.34 5.44
N ILE B 65 -8.68 -4.30 4.76
N ILE B 65 -8.70 -4.31 4.76
CA ILE B 65 -8.48 -3.34 3.70
CA ILE B 65 -8.50 -3.31 3.70
C ILE B 65 -9.52 -3.55 2.59
C ILE B 65 -9.49 -3.54 2.56
N MET B 66 -9.73 -4.79 2.18
CA MET B 66 -10.65 -5.07 1.09
C MET B 66 -12.08 -4.68 1.45
N GLY B 67 -12.47 -4.88 2.71
CA GLY B 67 -13.81 -4.49 3.11
C GLY B 67 -14.00 -2.99 3.00
N LEU B 68 -13.00 -2.23 3.45
CA LEU B 68 -13.09 -0.78 3.39
C LEU B 68 -13.03 -0.27 1.95
N ALA B 69 -12.17 -0.88 1.13
CA ALA B 69 -12.08 -0.46 -0.26
C ALA B 69 -13.40 -0.65 -0.99
N ALA B 70 -14.08 -1.76 -0.70
CA ALA B 70 -15.37 -2.01 -1.33
C ALA B 70 -16.37 -0.91 -0.99
N ILE B 71 -16.38 -0.48 0.28
CA ILE B 71 -17.28 0.59 0.70
C ILE B 71 -17.00 1.87 -0.08
N TYR B 72 -15.73 2.24 -0.19
CA TYR B 72 -15.39 3.47 -0.92
C TYR B 72 -15.79 3.36 -2.39
N GLN B 73 -15.61 2.19 -2.99
CA GLN B 73 -16.01 2.03 -4.37
C GLN B 73 -17.51 2.20 -4.53
N ILE B 74 -18.29 1.63 -3.60
CA ILE B 74 -19.74 1.78 -3.70
C ILE B 74 -20.15 3.23 -3.50
N LYS B 75 -19.41 3.96 -2.67
CA LYS B 75 -19.71 5.36 -2.42
C LYS B 75 -19.14 6.29 -3.49
N GLU B 76 -18.52 5.72 -4.53
CA GLU B 76 -17.93 6.50 -5.62
C GLU B 76 -16.78 7.37 -5.15
N GLN B 77 -16.11 6.94 -4.07
CA GLN B 77 -14.85 7.53 -3.63
C GLN B 77 -13.73 6.70 -4.24
N PHE B 78 -13.55 6.90 -5.54
CA PHE B 78 -12.83 5.93 -6.36
C PHE B 78 -11.33 5.97 -6.12
N GLN B 79 -10.75 7.16 -5.89
CA GLN B 79 -9.32 7.22 -5.60
C GLN B 79 -9.01 6.56 -4.27
N GLN B 80 -9.81 6.82 -3.24
CA GLN B 80 -9.60 6.15 -1.95
C GLN B 80 -9.70 4.64 -2.10
N ALA B 81 -10.67 4.17 -2.87
CA ALA B 81 -10.80 2.73 -3.09
C ALA B 81 -9.56 2.18 -3.80
N ALA B 82 -9.12 2.83 -4.87
CA ALA B 82 -7.97 2.32 -5.62
C ALA B 82 -6.72 2.26 -4.76
N ASP B 83 -6.51 3.26 -3.91
CA ASP B 83 -5.33 3.26 -3.06
C ASP B 83 -5.36 2.07 -2.11
N LEU B 84 -6.51 1.80 -1.49
CA LEU B 84 -6.60 0.66 -0.57
C LEU B 84 -6.49 -0.66 -1.31
N TYR B 85 -7.08 -0.76 -2.50
CA TYR B 85 -6.94 -2.00 -3.26
C TYR B 85 -5.47 -2.29 -3.54
N ALA B 86 -4.68 -1.24 -3.83
CA ALA B 86 -3.27 -1.46 -4.11
C ALA B 86 -2.51 -1.91 -2.86
N VAL B 87 -2.89 -1.40 -1.66
CA VAL B 87 -2.27 -1.91 -0.44
C VAL B 87 -2.58 -3.40 -0.28
N ALA B 88 -3.85 -3.76 -0.48
CA ALA B 88 -4.25 -5.15 -0.39
C ALA B 88 -3.47 -6.04 -1.34
N PHE B 89 -3.27 -5.57 -2.58
CA PHE B 89 -2.51 -6.36 -3.54
C PHE B 89 -1.07 -6.55 -3.06
N ALA B 90 -0.44 -5.46 -2.58
CA ALA B 90 0.95 -5.56 -2.13
C ALA B 90 1.08 -6.57 -1.01
N LEU B 91 0.10 -6.61 -0.10
CA LEU B 91 0.16 -7.54 1.01
C LEU B 91 -0.22 -8.97 0.62
N GLY B 92 -1.15 -9.16 -0.33
CA GLY B 92 -1.61 -10.49 -0.70
C GLY B 92 -0.94 -11.13 -1.90
N LYS B 93 -0.56 -10.32 -2.89
CA LYS B 93 0.28 -10.69 -4.03
C LYS B 93 -0.32 -11.65 -5.06
N ASN B 94 -1.16 -12.61 -4.65
CA ASN B 94 -1.57 -13.66 -5.58
C ASN B 94 -3.06 -13.65 -5.90
N ASP B 95 -3.80 -12.65 -5.42
CA ASP B 95 -5.20 -12.47 -5.77
C ASP B 95 -5.30 -11.22 -6.64
N TYR B 96 -5.74 -11.36 -7.88
CA TYR B 96 -5.85 -10.20 -8.75
C TYR B 96 -7.20 -9.50 -8.67
N THR B 97 -8.09 -9.93 -7.77
CA THR B 97 -9.33 -9.20 -7.57
C THR B 97 -9.11 -7.72 -7.24
N PRO B 98 -8.21 -7.36 -6.31
CA PRO B 98 -8.00 -5.91 -6.08
C PRO B 98 -7.48 -5.19 -7.30
N VAL B 99 -6.75 -5.86 -8.19
CA VAL B 99 -6.26 -5.19 -9.39
C VAL B 99 -7.42 -4.92 -10.34
N PHE B 100 -8.32 -5.90 -10.49
CA PHE B 100 -9.52 -5.73 -11.31
C PHE B 100 -10.37 -4.55 -10.83
N HIS B 101 -10.62 -4.48 -9.51
CA HIS B 101 -11.45 -3.38 -9.02
C HIS B 101 -10.75 -2.04 -9.14
N THR B 102 -9.43 -2.00 -8.98
CA THR B 102 -8.70 -0.76 -9.24
C THR B 102 -8.91 -0.32 -10.68
N GLY B 103 -8.90 -1.26 -11.62
CA GLY B 103 -9.18 -0.90 -13.00
C GLY B 103 -10.55 -0.27 -13.17
N GLN B 104 -11.56 -0.81 -12.49
CA GLN B 104 -12.88 -0.17 -12.53
C GLN B 104 -12.81 1.24 -11.99
N CYS B 105 -12.12 1.42 -10.86
CA CYS B 105 -11.97 2.75 -10.28
C CYS B 105 -11.27 3.71 -11.22
N GLN B 106 -10.19 3.24 -11.87
CA GLN B 106 -9.44 4.15 -12.75
C GLN B 106 -10.29 4.59 -13.94
N LEU B 107 -11.13 3.70 -14.47
CA LEU B 107 -12.06 4.10 -15.52
C LEU B 107 -12.94 5.25 -15.06
N ARG B 108 -13.47 5.16 -13.84
CA ARG B 108 -14.34 6.23 -13.34
C ARG B 108 -13.56 7.49 -13.04
N LEU B 109 -12.27 7.37 -12.76
CA LEU B 109 -11.39 8.52 -12.58
C LEU B 109 -10.90 9.10 -13.90
N LYS B 110 -11.40 8.60 -15.03
CA LYS B 110 -11.00 9.10 -16.35
C LYS B 110 -9.51 8.90 -16.58
N ALA B 111 -9.00 7.74 -16.17
CA ALA B 111 -7.62 7.33 -16.41
C ALA B 111 -7.61 5.99 -17.15
N PRO B 112 -8.04 5.97 -18.41
CA PRO B 112 -8.20 4.68 -19.11
C PRO B 112 -6.88 3.94 -19.30
N LEU B 113 -5.75 4.64 -19.41
CA LEU B 113 -4.47 3.95 -19.56
C LEU B 113 -4.09 3.22 -18.28
N LYS B 114 -4.35 3.84 -17.12
CA LYS B 114 -4.15 3.13 -15.86
C LYS B 114 -5.12 1.96 -15.76
N ALA B 115 -6.38 2.15 -16.15
CA ALA B 115 -7.33 1.04 -16.12
C ALA B 115 -6.88 -0.09 -17.05
N LYS B 116 -6.42 0.24 -18.26
CA LYS B 116 -5.93 -0.79 -19.17
C LYS B 116 -4.76 -1.57 -18.55
N GLU B 117 -3.85 -0.86 -17.88
CA GLU B 117 -2.73 -1.54 -17.25
C GLU B 117 -3.23 -2.54 -16.20
N CYS B 118 -4.24 -2.15 -15.41
CA CYS B 118 -4.82 -3.06 -14.43
C CYS B 118 -5.44 -4.28 -15.10
N PHE B 119 -6.31 -4.06 -16.08
CA PHE B 119 -7.01 -5.19 -16.70
C PHE B 119 -6.05 -6.11 -17.43
N GLU B 120 -4.99 -5.57 -18.04
CA GLU B 120 -4.01 -6.41 -18.70
C GLU B 120 -3.26 -7.28 -17.69
N LEU B 121 -2.98 -6.72 -16.51
CA LEU B 121 -2.31 -7.54 -15.49
C LEU B 121 -3.16 -8.73 -15.09
N VAL B 122 -4.47 -8.53 -14.96
CA VAL B 122 -5.37 -9.63 -14.61
C VAL B 122 -5.30 -10.73 -15.67
N ILE B 123 -5.38 -10.34 -16.94
N ILE B 123 -5.42 -10.35 -16.95
CA ILE B 123 -5.35 -11.30 -18.03
CA ILE B 123 -5.48 -11.37 -17.99
C ILE B 123 -4.04 -12.07 -18.05
C ILE B 123 -4.17 -12.13 -18.11
N GLN B 124 -2.92 -11.37 -17.84
N GLN B 124 -3.04 -11.47 -17.86
CA GLN B 124 -1.61 -11.99 -17.98
CA GLN B 124 -1.75 -12.13 -18.01
C GLN B 124 -1.24 -12.87 -16.80
C GLN B 124 -1.39 -13.00 -16.82
N HIS B 125 -1.79 -12.59 -15.60
CA HIS B 125 -1.28 -13.24 -14.40
C HIS B 125 -2.32 -13.98 -13.58
N SER B 126 -3.61 -13.65 -13.69
CA SER B 126 -4.61 -14.30 -12.87
C SER B 126 -4.90 -15.70 -13.38
N ASN B 127 -5.18 -16.62 -12.45
CA ASN B 127 -5.69 -17.93 -12.82
C ASN B 127 -7.18 -18.05 -12.59
N ASP B 128 -7.85 -16.95 -12.29
CA ASP B 128 -9.29 -16.89 -12.10
C ASP B 128 -9.91 -16.65 -13.47
N GLU B 129 -10.43 -17.71 -14.10
CA GLU B 129 -10.88 -17.58 -15.49
C GLU B 129 -12.09 -16.64 -15.61
N LYS B 130 -12.99 -16.66 -14.64
CA LYS B 130 -14.14 -15.76 -14.72
C LYS B 130 -13.72 -14.30 -14.55
N LEU B 131 -12.76 -14.04 -13.66
CA LEU B 131 -12.25 -12.68 -13.50
C LEU B 131 -11.57 -12.20 -14.78
N LYS B 132 -10.87 -13.09 -15.47
CA LYS B 132 -10.22 -12.71 -16.73
C LYS B 132 -11.26 -12.28 -17.76
N ILE B 133 -12.39 -13.01 -17.86
CA ILE B 133 -13.45 -12.62 -18.78
C ILE B 133 -13.96 -11.22 -18.44
N LYS B 134 -14.19 -10.96 -17.15
CA LYS B 134 -14.67 -9.63 -16.76
C LYS B 134 -13.66 -8.57 -17.15
N ALA B 135 -12.38 -8.82 -16.86
CA ALA B 135 -11.34 -7.86 -17.22
C ALA B 135 -11.30 -7.64 -18.73
N GLN B 136 -11.46 -8.71 -19.51
CA GLN B 136 -11.42 -8.57 -20.96
C GLN B 136 -12.57 -7.71 -21.46
N SER B 137 -13.73 -7.80 -20.82
N SER B 137 -13.74 -7.81 -20.83
CA SER B 137 -14.89 -7.03 -21.27
CA SER B 137 -14.89 -7.03 -21.28
C SER B 137 -14.64 -5.54 -21.12
C SER B 137 -14.61 -5.53 -21.14
N TYR B 138 -13.93 -5.14 -20.07
CA TYR B 138 -13.56 -3.74 -19.91
C TYR B 138 -12.50 -3.34 -20.94
N LEU B 139 -11.50 -4.20 -21.16
CA LEU B 139 -10.52 -3.93 -22.21
C LEU B 139 -11.18 -3.75 -23.56
N ASP B 140 -12.21 -4.57 -23.86
CA ASP B 140 -12.86 -4.47 -25.16
C ASP B 140 -13.51 -3.11 -25.37
N ALA B 141 -13.94 -2.46 -24.30
CA ALA B 141 -14.61 -1.16 -24.40
C ALA B 141 -13.64 0.00 -24.44
N ILE B 142 -12.42 -0.15 -23.90
CA ILE B 142 -11.45 0.93 -23.89
C ILE B 142 -10.91 1.19 -25.29
C5 V9U C . -0.67 -2.45 -10.38
C6 V9U C . -1.70 -1.58 -10.50
C2 V9U C . -2.74 -2.52 -8.58
C4 V9U C . -0.64 -3.38 -9.36
C7 V9U C . -1.44 -0.72 -11.69
C1 V9U C . -2.77 -1.59 -9.60
C10 V9U C . 0.23 -2.12 -11.51
C3 V9U C . -1.69 -3.42 -8.45
N11 V9U C . 1.40 -2.74 -11.76
N9 V9U C . -0.24 -1.11 -12.26
O8 V9U C . -2.16 0.20 -12.07
CL12 V9U C . -4.07 -2.61 -7.48
MG MG D . -2.67 -17.55 -17.49
MG MG E . 5.29 0.31 15.00
CL CL F . -6.20 8.34 4.14
CL CL G . -11.85 9.23 -3.18
#